data_9F8D
#
_entry.id   9F8D
#
_cell.length_a   90.328
_cell.length_b   127.265
_cell.length_c   62.774
_cell.angle_alpha   90.00
_cell.angle_beta   90.00
_cell.angle_gamma   90.00
#
_symmetry.space_group_name_H-M   'C 2 2 21'
#
loop_
_entity.id
_entity.type
_entity.pdbx_description
1 polymer 'Monoglyceride lipase'
2 non-polymer 6-[4-(5-chloranyl-1~{H}-indol-3-yl)piperidin-1-yl]carbonyl-4~{H}-1,4-benzoxazin-3-one
3 non-polymer 1,2-ETHANEDIOL
4 water water
#
_entity_poly.entity_id   1
_entity_poly.type   'polypeptide(L)'
_entity_poly.pdbx_seq_one_letter_code
;MGSSHHHHHHSSGENLYFQGMPEESSPRRTPQSIPYQDLPHLVNADGQYLFCRYWAPTGTPKALIFVSHGAGEHSGRYEE
LARMLMGLDLLVFAHDHVGHGQSEGERMVVSDFHVFVRDVLQHVDSMQKDYPGLPVFLLGHSMGGAIAILTAAERPGHFA
GMVLISPLVLANPESATTFKVLAAKVLNSVLPNLSSGPIDSSVLSRNKTEVDIYNSDPLICRAGLKVCFGIQLLNAVSRV
ERALPKLTVPFLLLQGSADRLCDSKGAYLLMELAKSQDKTLKIYEGAYHVLHKELPEVTNSVFHEINMWVSQRTATAGTA
SPP
;
_entity_poly.pdbx_strand_id   A
#
# COMPACT_ATOMS: atom_id res chain seq x y z
N MET A 21 -28.53 -18.34 31.15
CA MET A 21 -28.57 -17.75 29.81
C MET A 21 -27.16 -17.30 29.38
N PRO A 22 -26.62 -17.78 28.23
CA PRO A 22 -25.31 -17.30 27.78
C PRO A 22 -25.41 -15.86 27.29
N GLU A 23 -24.32 -15.12 27.39
CA GLU A 23 -24.28 -13.71 27.03
C GLU A 23 -23.27 -13.46 25.96
N GLU A 24 -23.54 -12.48 25.09
CA GLU A 24 -22.60 -12.10 24.06
C GLU A 24 -21.36 -11.47 24.69
N SER A 25 -20.17 -11.83 24.16
CA SER A 25 -18.88 -11.33 24.64
C SER A 25 -18.77 -9.83 24.36
N SER A 26 -17.89 -9.12 25.12
CA SER A 26 -17.67 -7.67 24.98
C SER A 26 -17.35 -7.31 23.53
N PRO A 27 -17.85 -6.16 23.02
CA PRO A 27 -17.57 -5.80 21.61
C PRO A 27 -16.09 -5.84 21.22
N ARG A 28 -15.79 -6.43 20.05
CA ARG A 28 -14.42 -6.46 19.53
C ARG A 28 -13.91 -5.05 19.24
N ARG A 29 -12.68 -4.76 19.69
CA ARG A 29 -12.14 -3.40 19.60
C ARG A 29 -10.89 -3.35 18.78
N THR A 30 -10.59 -2.18 18.22
CA THR A 30 -9.35 -1.97 17.48
C THR A 30 -8.16 -2.06 18.48
N PRO A 31 -6.92 -2.08 18.00
CA PRO A 31 -5.77 -2.07 18.93
C PRO A 31 -5.72 -0.78 19.77
N GLN A 32 -6.47 0.25 19.37
CA GLN A 32 -6.58 1.52 20.09
C GLN A 32 -7.83 1.57 20.96
N SER A 33 -8.49 0.41 21.13
CA SER A 33 -9.64 0.16 22.03
CA SER A 33 -9.62 0.24 22.07
C SER A 33 -10.95 0.84 21.59
N ILE A 34 -11.13 1.03 20.27
CA ILE A 34 -12.39 1.57 19.76
CA ILE A 34 -12.40 1.56 19.76
C ILE A 34 -13.24 0.37 19.29
N PRO A 35 -14.53 0.24 19.69
CA PRO A 35 -15.31 -0.89 19.17
C PRO A 35 -15.43 -0.86 17.65
N TYR A 36 -15.19 -2.03 17.01
CA TYR A 36 -15.39 -2.09 15.57
C TYR A 36 -16.83 -1.79 15.18
N GLN A 37 -17.81 -2.05 16.07
CA GLN A 37 -19.21 -1.75 15.72
C GLN A 37 -19.43 -0.25 15.46
N ASP A 38 -18.49 0.61 15.94
CA ASP A 38 -18.58 2.05 15.77
C ASP A 38 -17.78 2.54 14.56
N LEU A 39 -17.21 1.61 13.79
CA LEU A 39 -16.35 2.01 12.67
C LEU A 39 -16.68 1.23 11.41
N PRO A 40 -16.44 1.78 10.20
CA PRO A 40 -16.58 0.96 9.00
C PRO A 40 -15.53 -0.17 9.08
N HIS A 41 -15.94 -1.40 8.78
CA HIS A 41 -15.00 -2.53 8.88
C HIS A 41 -15.36 -3.67 7.97
N LEU A 42 -14.48 -4.66 7.92
CA LEU A 42 -14.66 -5.88 7.13
C LEU A 42 -13.93 -7.00 7.86
N VAL A 43 -14.46 -8.21 7.90
CA VAL A 43 -13.77 -9.30 8.55
C VAL A 43 -13.10 -10.14 7.46
N ASN A 44 -11.80 -10.34 7.55
CA ASN A 44 -11.09 -11.05 6.51
C ASN A 44 -11.24 -12.56 6.68
N ALA A 45 -10.64 -13.33 5.76
CA ALA A 45 -10.78 -14.80 5.73
C ALA A 45 -10.20 -15.49 6.94
N ASP A 46 -9.31 -14.80 7.68
CA ASP A 46 -8.70 -15.31 8.90
C ASP A 46 -9.48 -14.87 10.14
N GLY A 47 -10.63 -14.24 9.94
CA GLY A 47 -11.46 -13.76 11.05
C GLY A 47 -10.95 -12.51 11.73
N GLN A 48 -10.10 -11.75 11.06
CA GLN A 48 -9.53 -10.53 11.59
C GLN A 48 -10.28 -9.33 11.07
N TYR A 49 -10.55 -8.37 11.95
CA TYR A 49 -11.25 -7.16 11.54
C TYR A 49 -10.30 -6.20 10.90
N LEU A 50 -10.70 -5.68 9.75
CA LEU A 50 -9.97 -4.64 9.05
C LEU A 50 -10.77 -3.36 9.13
N PHE A 51 -10.10 -2.30 9.57
CA PHE A 51 -10.72 -0.97 9.59
C PHE A 51 -10.78 -0.45 8.12
N CYS A 52 -11.95 0.12 7.75
CA CYS A 52 -12.18 0.62 6.40
C CYS A 52 -12.46 2.11 6.38
N ARG A 53 -12.21 2.71 5.20
CA ARG A 53 -12.52 4.12 4.94
C ARG A 53 -13.18 4.22 3.58
N TYR A 54 -14.11 5.17 3.46
CA TYR A 54 -14.85 5.44 2.22
C TYR A 54 -14.96 6.91 1.97
N TRP A 55 -14.79 7.32 0.70
CA TRP A 55 -14.99 8.71 0.29
C TRP A 55 -15.83 8.66 -0.98
N ALA A 56 -17.13 8.86 -0.83
CA ALA A 56 -18.08 8.76 -1.95
C ALA A 56 -18.57 10.13 -2.39
N PRO A 57 -18.74 10.31 -3.71
CA PRO A 57 -19.27 11.59 -4.22
C PRO A 57 -20.80 11.67 -4.02
N THR A 58 -21.40 12.86 -4.19
CA THR A 58 -22.86 13.05 -4.04
C THR A 58 -23.62 12.39 -5.20
N GLY A 59 -23.03 12.45 -6.39
CA GLY A 59 -23.61 11.86 -7.59
C GLY A 59 -23.26 10.40 -7.75
N THR A 60 -23.75 9.78 -8.85
CA THR A 60 -23.46 8.38 -9.19
C THR A 60 -21.94 8.30 -9.48
N PRO A 61 -21.19 7.34 -8.88
CA PRO A 61 -19.74 7.29 -9.16
C PRO A 61 -19.44 6.84 -10.59
N LYS A 62 -18.37 7.38 -11.17
CA LYS A 62 -17.94 7.00 -12.52
C LYS A 62 -17.15 5.70 -12.42
N ALA A 63 -16.53 5.44 -11.25
CA ALA A 63 -15.65 4.30 -11.07
C ALA A 63 -15.34 4.17 -9.60
N LEU A 64 -14.76 3.04 -9.22
CA LEU A 64 -14.29 2.79 -7.86
C LEU A 64 -12.78 2.82 -7.86
N ILE A 65 -12.17 3.16 -6.72
CA ILE A 65 -10.71 3.12 -6.64
C ILE A 65 -10.33 2.73 -5.23
N PHE A 66 -9.53 1.66 -5.13
CA PHE A 66 -8.99 1.21 -3.85
C PHE A 66 -7.64 1.82 -3.61
N VAL A 67 -7.40 2.34 -2.41
CA VAL A 67 -6.13 2.92 -2.02
C VAL A 67 -5.41 1.97 -1.08
N SER A 68 -4.17 1.62 -1.40
CA SER A 68 -3.36 0.62 -0.72
C SER A 68 -2.12 1.26 -0.12
N HIS A 69 -2.11 1.39 1.22
CA HIS A 69 -1.03 2.07 1.93
C HIS A 69 0.23 1.23 2.08
N GLY A 70 1.30 1.89 2.53
CA GLY A 70 2.58 1.22 2.67
C GLY A 70 2.89 0.65 4.05
N ALA A 71 4.09 0.10 4.17
CA ALA A 71 4.55 -0.58 5.41
C ALA A 71 4.60 0.35 6.58
N GLY A 72 4.04 -0.09 7.70
CA GLY A 72 4.05 0.66 8.96
C GLY A 72 3.09 1.81 9.04
N GLU A 73 2.45 2.19 7.93
CA GLU A 73 1.55 3.33 7.96
C GLU A 73 0.10 2.86 7.93
N HIS A 74 -0.84 3.67 7.39
CA HIS A 74 -2.26 3.36 7.48
C HIS A 74 -3.01 4.25 6.48
N SER A 75 -4.30 3.96 6.30
CA SER A 75 -5.11 4.61 5.29
C SER A 75 -5.42 6.06 5.55
N GLY A 76 -5.35 6.51 6.80
CA GLY A 76 -5.67 7.91 7.09
C GLY A 76 -4.68 8.89 6.47
N ARG A 77 -3.51 8.39 6.08
CA ARG A 77 -2.49 9.22 5.43
C ARG A 77 -2.86 9.56 3.99
N TYR A 78 -3.98 9.02 3.48
CA TYR A 78 -4.40 9.24 2.10
C TYR A 78 -5.59 10.15 1.98
N GLU A 79 -5.92 10.85 3.06
CA GLU A 79 -7.06 11.73 3.07
C GLU A 79 -7.11 12.70 1.89
N GLU A 80 -6.00 13.46 1.67
CA GLU A 80 -6.03 14.46 0.60
C GLU A 80 -6.10 13.83 -0.78
N LEU A 81 -5.34 12.76 -1.04
CA LEU A 81 -5.44 12.08 -2.33
C LEU A 81 -6.85 11.58 -2.58
N ALA A 82 -7.43 10.97 -1.53
CA ALA A 82 -8.77 10.41 -1.65
C ALA A 82 -9.82 11.49 -1.91
N ARG A 83 -9.68 12.66 -1.26
CA ARG A 83 -10.63 13.74 -1.50
C ARG A 83 -10.49 14.29 -2.91
N MET A 84 -9.27 14.30 -3.46
CA MET A 84 -9.09 14.73 -4.86
C MET A 84 -9.78 13.74 -5.80
N LEU A 85 -9.63 12.45 -5.55
CA LEU A 85 -10.22 11.44 -6.43
C LEU A 85 -11.74 11.45 -6.33
N MET A 86 -12.26 11.66 -5.12
CA MET A 86 -13.70 11.75 -4.90
CA MET A 86 -13.70 11.77 -4.89
C MET A 86 -14.24 12.97 -5.67
N GLY A 87 -13.44 14.03 -5.76
CA GLY A 87 -13.80 15.24 -6.51
C GLY A 87 -13.92 14.98 -8.00
N LEU A 88 -13.34 13.87 -8.51
CA LEU A 88 -13.42 13.44 -9.90
C LEU A 88 -14.59 12.48 -10.10
N ASP A 89 -15.44 12.35 -9.06
CA ASP A 89 -16.62 11.49 -9.03
C ASP A 89 -16.28 10.01 -8.97
N LEU A 90 -15.13 9.68 -8.37
CA LEU A 90 -14.84 8.28 -8.10
C LEU A 90 -15.22 7.99 -6.66
N LEU A 91 -15.61 6.76 -6.38
CA LEU A 91 -15.88 6.36 -4.99
C LEU A 91 -14.55 5.71 -4.55
N VAL A 92 -13.88 6.33 -3.57
CA VAL A 92 -12.59 5.87 -3.09
C VAL A 92 -12.85 5.02 -1.86
N PHE A 93 -12.09 3.92 -1.72
CA PHE A 93 -12.22 3.07 -0.53
C PHE A 93 -10.86 2.51 -0.20
N ALA A 94 -10.68 2.14 1.09
CA ALA A 94 -9.40 1.68 1.58
C ALA A 94 -9.65 0.86 2.81
N HIS A 95 -8.63 0.15 3.24
CA HIS A 95 -8.63 -0.43 4.59
C HIS A 95 -7.19 -0.40 5.09
N ASP A 96 -7.02 -0.51 6.40
CA ASP A 96 -5.69 -0.67 6.98
C ASP A 96 -5.33 -2.15 6.81
N HIS A 97 -4.16 -2.44 6.23
CA HIS A 97 -3.75 -3.82 6.05
C HIS A 97 -3.63 -4.48 7.43
N VAL A 98 -3.74 -5.81 7.44
CA VAL A 98 -3.60 -6.52 8.69
CA VAL A 98 -3.56 -6.60 8.66
C VAL A 98 -2.27 -6.10 9.34
N GLY A 99 -2.29 -5.99 10.67
CA GLY A 99 -1.12 -5.58 11.42
C GLY A 99 -0.77 -4.11 11.35
N HIS A 100 -1.66 -3.30 10.76
CA HIS A 100 -1.42 -1.86 10.59
C HIS A 100 -2.59 -1.04 11.09
N GLY A 101 -2.29 0.19 11.50
CA GLY A 101 -3.30 1.17 11.82
C GLY A 101 -4.34 0.66 12.79
N GLN A 102 -5.61 0.79 12.39
CA GLN A 102 -6.77 0.43 13.20
C GLN A 102 -7.29 -0.99 12.95
N SER A 103 -6.58 -1.75 12.11
CA SER A 103 -6.97 -3.13 11.86
C SER A 103 -6.31 -4.05 12.89
N GLU A 104 -6.84 -5.26 13.01
CA GLU A 104 -6.30 -6.23 13.95
C GLU A 104 -5.00 -6.83 13.42
N GLY A 105 -4.35 -7.57 14.32
CA GLY A 105 -3.14 -8.31 14.04
C GLY A 105 -1.93 -7.78 14.79
N GLU A 106 -0.99 -8.67 15.12
CA GLU A 106 0.26 -8.22 15.73
C GLU A 106 0.89 -7.20 14.77
N ARG A 107 1.44 -6.10 15.30
CA ARG A 107 1.98 -5.04 14.49
C ARG A 107 3.07 -5.45 13.54
N MET A 108 2.89 -5.17 12.24
CA MET A 108 3.84 -5.45 11.16
CA MET A 108 3.94 -5.45 11.29
C MET A 108 4.33 -6.90 11.22
N VAL A 109 3.35 -7.80 11.22
N VAL A 109 3.32 -7.80 11.30
CA VAL A 109 3.55 -9.23 11.08
CA VAL A 109 3.42 -9.25 11.18
C VAL A 109 2.51 -9.68 10.06
C VAL A 109 2.46 -9.69 10.08
N VAL A 110 2.88 -10.61 9.20
CA VAL A 110 1.94 -11.18 8.25
C VAL A 110 2.35 -12.62 8.02
N SER A 111 1.40 -13.56 8.05
CA SER A 111 1.74 -14.97 7.87
C SER A 111 2.38 -15.22 6.52
N ASP A 112 1.85 -14.55 5.48
CA ASP A 112 2.42 -14.58 4.15
C ASP A 112 1.96 -13.32 3.47
N PHE A 113 2.83 -12.72 2.63
CA PHE A 113 2.50 -11.48 1.96
C PHE A 113 1.16 -11.57 1.19
N HIS A 114 0.77 -12.77 0.70
CA HIS A 114 -0.48 -12.90 -0.04
C HIS A 114 -1.73 -12.54 0.75
N VAL A 115 -1.66 -12.59 2.07
CA VAL A 115 -2.80 -12.19 2.90
C VAL A 115 -3.22 -10.76 2.50
N PHE A 116 -2.24 -9.86 2.26
CA PHE A 116 -2.60 -8.48 1.93
C PHE A 116 -3.35 -8.43 0.60
N VAL A 117 -2.92 -9.23 -0.40
CA VAL A 117 -3.54 -9.27 -1.71
C VAL A 117 -4.95 -9.87 -1.60
N ARG A 118 -5.07 -11.02 -0.93
CA ARG A 118 -6.35 -11.65 -0.66
C ARG A 118 -7.34 -10.65 -0.05
N ASP A 119 -6.88 -9.88 0.94
CA ASP A 119 -7.78 -8.98 1.63
C ASP A 119 -8.21 -7.80 0.74
N VAL A 120 -7.28 -7.27 -0.08
CA VAL A 120 -7.68 -6.24 -1.06
C VAL A 120 -8.77 -6.82 -1.97
N LEU A 121 -8.54 -8.05 -2.47
CA LEU A 121 -9.52 -8.65 -3.37
C LEU A 121 -10.88 -8.85 -2.72
N GLN A 122 -10.90 -9.22 -1.40
CA GLN A 122 -12.18 -9.38 -0.75
C GLN A 122 -12.89 -8.04 -0.71
N HIS A 123 -12.17 -6.98 -0.36
CA HIS A 123 -12.83 -5.67 -0.25
C HIS A 123 -13.31 -5.18 -1.63
N VAL A 124 -12.49 -5.39 -2.67
CA VAL A 124 -12.90 -5.01 -4.03
C VAL A 124 -14.16 -5.80 -4.42
N ASP A 125 -14.15 -7.12 -4.16
CA ASP A 125 -15.31 -7.92 -4.50
C ASP A 125 -16.59 -7.48 -3.78
N SER A 126 -16.45 -7.14 -2.50
CA SER A 126 -17.57 -6.67 -1.69
CA SER A 126 -17.57 -6.68 -1.70
C SER A 126 -18.12 -5.34 -2.23
N MET A 127 -17.23 -4.42 -2.61
CA MET A 127 -17.68 -3.13 -3.14
C MET A 127 -18.33 -3.23 -4.49
N GLN A 128 -17.85 -4.15 -5.31
CA GLN A 128 -18.44 -4.34 -6.65
C GLN A 128 -19.84 -4.93 -6.55
N LYS A 129 -20.16 -5.59 -5.44
CA LYS A 129 -21.52 -6.10 -5.22
C LYS A 129 -22.47 -4.93 -4.97
N ASP A 130 -22.01 -3.94 -4.18
CA ASP A 130 -22.79 -2.75 -3.81
C ASP A 130 -22.88 -1.75 -4.94
N TYR A 131 -21.86 -1.71 -5.82
CA TYR A 131 -21.78 -0.79 -6.95
C TYR A 131 -21.43 -1.61 -8.21
N PRO A 132 -22.40 -2.40 -8.75
CA PRO A 132 -22.10 -3.25 -9.92
C PRO A 132 -21.90 -2.47 -11.22
N GLY A 133 -21.18 -3.09 -12.15
CA GLY A 133 -20.89 -2.55 -13.47
C GLY A 133 -19.87 -1.43 -13.54
N LEU A 134 -19.34 -0.98 -12.39
CA LEU A 134 -18.39 0.13 -12.41
C LEU A 134 -16.97 -0.36 -12.62
N PRO A 135 -16.16 0.40 -13.37
CA PRO A 135 -14.74 0.07 -13.48
C PRO A 135 -14.07 0.25 -12.11
N VAL A 136 -13.01 -0.53 -11.85
CA VAL A 136 -12.28 -0.42 -10.60
CA VAL A 136 -12.26 -0.46 -10.59
C VAL A 136 -10.80 -0.21 -10.85
N PHE A 137 -10.24 0.78 -10.17
CA PHE A 137 -8.83 1.12 -10.24
C PHE A 137 -8.18 0.79 -8.90
N LEU A 138 -6.86 0.73 -8.92
CA LEU A 138 -6.04 0.55 -7.72
C LEU A 138 -5.07 1.71 -7.63
N LEU A 139 -4.76 2.16 -6.42
CA LEU A 139 -3.72 3.16 -6.21
C LEU A 139 -2.89 2.60 -5.07
N GLY A 140 -1.59 2.45 -5.25
CA GLY A 140 -0.77 1.94 -4.16
C GLY A 140 0.53 2.70 -4.05
N HIS A 141 1.02 2.84 -2.84
CA HIS A 141 2.31 3.42 -2.57
C HIS A 141 3.22 2.41 -1.89
N SER A 142 4.45 2.26 -2.40
CA SER A 142 5.49 1.52 -1.72
C SER A 142 5.09 0.07 -1.51
N MET A 143 5.09 -0.47 -0.28
CA MET A 143 4.62 -1.84 -0.11
C MET A 143 3.20 -1.99 -0.69
N GLY A 144 2.38 -0.95 -0.54
CA GLY A 144 1.02 -0.93 -1.07
C GLY A 144 0.98 -1.02 -2.59
N GLY A 145 2.04 -0.55 -3.25
CA GLY A 145 2.19 -0.63 -4.70
C GLY A 145 2.55 -2.03 -5.11
N ALA A 146 3.39 -2.73 -4.34
CA ALA A 146 3.62 -4.16 -4.60
C ALA A 146 2.32 -4.94 -4.43
N ILE A 147 1.52 -4.60 -3.41
CA ILE A 147 0.23 -5.27 -3.23
C ILE A 147 -0.63 -5.01 -4.44
N ALA A 148 -0.68 -3.75 -4.93
CA ALA A 148 -1.51 -3.46 -6.12
C ALA A 148 -1.07 -4.22 -7.34
N ILE A 149 0.24 -4.28 -7.59
CA ILE A 149 0.75 -5.05 -8.75
C ILE A 149 0.32 -6.52 -8.62
N LEU A 150 0.48 -7.13 -7.45
CA LEU A 150 0.16 -8.55 -7.32
C LEU A 150 -1.33 -8.78 -7.41
N THR A 151 -2.14 -7.81 -6.99
CA THR A 151 -3.59 -7.89 -7.07
C THR A 151 -4.03 -7.85 -8.54
N ALA A 152 -3.49 -6.92 -9.33
CA ALA A 152 -3.83 -6.84 -10.75
C ALA A 152 -3.30 -8.02 -11.52
N ALA A 153 -2.13 -8.56 -11.14
CA ALA A 153 -1.56 -9.74 -11.84
C ALA A 153 -2.39 -10.98 -11.58
N GLU A 154 -3.01 -11.09 -10.40
CA GLU A 154 -3.84 -12.23 -10.05
C GLU A 154 -5.14 -12.25 -10.86
N ARG A 155 -5.66 -11.08 -11.24
CA ARG A 155 -6.90 -10.93 -11.98
C ARG A 155 -6.69 -10.14 -13.26
N PRO A 156 -6.00 -10.71 -14.27
CA PRO A 156 -5.83 -9.97 -15.53
C PRO A 156 -7.16 -9.58 -16.17
N GLY A 157 -7.21 -8.35 -16.65
CA GLY A 157 -8.40 -7.76 -17.27
C GLY A 157 -9.47 -7.25 -16.32
N HIS A 158 -9.32 -7.49 -15.02
CA HIS A 158 -10.36 -7.07 -14.07
C HIS A 158 -10.29 -5.60 -13.73
N PHE A 159 -9.07 -5.04 -13.61
CA PHE A 159 -8.93 -3.67 -13.17
C PHE A 159 -8.76 -2.75 -14.37
N ALA A 160 -9.35 -1.55 -14.24
CA ALA A 160 -9.28 -0.57 -15.32
C ALA A 160 -7.94 0.11 -15.38
N GLY A 161 -7.25 0.20 -14.26
CA GLY A 161 -5.98 0.90 -14.23
C GLY A 161 -5.41 0.88 -12.84
N MET A 162 -4.14 1.26 -12.74
CA MET A 162 -3.39 1.26 -11.49
C MET A 162 -2.50 2.48 -11.43
N VAL A 163 -2.50 3.18 -10.31
CA VAL A 163 -1.64 4.31 -10.04
C VAL A 163 -0.61 3.84 -9.02
N LEU A 164 0.69 3.92 -9.33
CA LEU A 164 1.72 3.45 -8.42
C LEU A 164 2.63 4.57 -8.04
N ILE A 165 2.74 4.81 -6.75
CA ILE A 165 3.60 5.87 -6.20
C ILE A 165 4.76 5.17 -5.54
N SER A 166 5.97 5.24 -6.17
CA SER A 166 7.18 4.60 -5.65
CA SER A 166 7.18 4.60 -5.65
C SER A 166 6.90 3.20 -5.13
N PRO A 167 6.36 2.34 -6.00
CA PRO A 167 6.05 0.97 -5.56
C PRO A 167 7.28 0.19 -5.20
N LEU A 168 7.09 -0.78 -4.30
CA LEU A 168 8.17 -1.66 -3.98
C LEU A 168 8.34 -2.69 -5.09
N VAL A 169 9.31 -2.43 -5.97
CA VAL A 169 9.69 -3.36 -7.05
C VAL A 169 11.08 -3.88 -6.78
N LEU A 170 12.02 -2.94 -6.50
CA LEU A 170 13.35 -3.27 -5.99
C LEU A 170 13.60 -2.49 -4.73
N ALA A 171 14.06 -3.16 -3.66
CA ALA A 171 14.41 -2.42 -2.45
C ALA A 171 15.75 -1.69 -2.67
N ASN A 172 16.12 -0.82 -1.72
CA ASN A 172 17.44 -0.23 -1.74
C ASN A 172 18.44 -1.44 -1.76
N PRO A 173 19.41 -1.49 -2.70
CA PRO A 173 20.25 -2.68 -2.83
C PRO A 173 20.99 -3.08 -1.55
N GLU A 174 21.38 -2.10 -0.73
CA GLU A 174 22.07 -2.36 0.53
C GLU A 174 21.15 -2.98 1.57
N SER A 175 19.90 -2.45 1.71
CA SER A 175 18.90 -2.99 2.63
CA SER A 175 18.90 -2.98 2.64
C SER A 175 18.49 -4.38 2.23
N ALA A 176 18.44 -4.65 0.91
CA ALA A 176 18.07 -5.96 0.40
C ALA A 176 19.17 -6.97 0.79
N THR A 177 20.45 -6.56 0.64
CA THR A 177 21.63 -7.38 0.96
C THR A 177 21.63 -7.71 2.45
N THR A 178 21.51 -6.68 3.31
CA THR A 178 21.47 -6.85 4.77
C THR A 178 20.31 -7.77 5.21
N PHE A 179 19.12 -7.64 4.59
CA PHE A 179 17.97 -8.49 4.94
C PHE A 179 18.03 -9.91 4.41
N LYS A 180 18.70 -10.13 3.28
CA LYS A 180 18.87 -11.46 2.72
C LYS A 180 19.77 -12.28 3.66
N VAL A 181 20.74 -11.60 4.31
CA VAL A 181 21.63 -12.22 5.29
C VAL A 181 20.87 -12.56 6.58
N LEU A 182 20.03 -11.61 7.08
CA LEU A 182 19.23 -11.82 8.30
CA LEU A 182 19.24 -11.81 8.30
C LEU A 182 18.20 -12.91 8.09
N ALA A 183 17.56 -12.93 6.89
CA ALA A 183 16.57 -13.94 6.49
C ALA A 183 17.28 -15.28 6.56
N ALA A 184 18.47 -15.41 5.94
CA ALA A 184 19.26 -16.65 5.98
C ALA A 184 19.57 -17.09 7.43
N LYS A 185 19.89 -16.13 8.33
CA LYS A 185 20.21 -16.43 9.73
C LYS A 185 18.96 -16.90 10.51
N VAL A 186 17.85 -16.16 10.38
CA VAL A 186 16.56 -16.44 11.02
C VAL A 186 15.92 -17.71 10.47
N LEU A 187 16.08 -17.97 9.17
CA LEU A 187 15.51 -19.18 8.56
C LEU A 187 16.31 -20.44 8.94
N ASN A 188 17.57 -20.26 9.40
CA ASN A 188 18.44 -21.37 9.84
C ASN A 188 18.31 -21.71 11.32
N SER A 189 18.05 -20.68 12.15
CA SER A 189 17.95 -20.92 13.60
CA SER A 189 17.94 -20.84 13.60
C SER A 189 16.57 -20.39 14.14
N VAL A 190 16.31 -20.49 15.46
CA VAL A 190 15.01 -20.04 15.97
C VAL A 190 15.24 -18.71 16.68
N LEU A 191 14.92 -17.60 15.99
CA LEU A 191 15.12 -16.25 16.55
C LEU A 191 13.87 -15.42 16.28
N PRO A 192 12.75 -15.71 17.00
CA PRO A 192 11.49 -14.99 16.72
C PRO A 192 11.48 -13.48 16.91
N ASN A 193 12.38 -12.94 17.74
CA ASN A 193 12.40 -11.52 18.04
C ASN A 193 13.42 -10.71 17.25
N LEU A 194 14.20 -11.36 16.36
CA LEU A 194 15.24 -10.66 15.60
C LEU A 194 14.64 -9.57 14.73
N SER A 195 15.20 -8.36 14.87
CA SER A 195 14.73 -7.20 14.11
C SER A 195 15.88 -6.38 13.61
N SER A 196 15.65 -5.60 12.56
CA SER A 196 16.63 -4.67 12.07
C SER A 196 16.25 -3.31 12.70
N GLY A 197 16.97 -2.26 12.34
CA GLY A 197 16.69 -0.94 12.88
C GLY A 197 15.47 -0.30 12.22
N PRO A 198 14.96 0.79 12.80
CA PRO A 198 13.78 1.46 12.18
C PRO A 198 14.14 2.13 10.86
N ILE A 199 13.11 2.45 10.08
CA ILE A 199 13.27 3.22 8.83
C ILE A 199 13.73 4.63 9.21
N ASP A 200 14.77 5.15 8.51
CA ASP A 200 15.31 6.47 8.77
C ASP A 200 14.27 7.45 8.21
N SER A 201 13.50 8.12 9.09
CA SER A 201 12.43 9.01 8.65
CA SER A 201 12.44 9.04 8.68
C SER A 201 12.93 10.15 7.77
N SER A 202 14.20 10.57 7.90
CA SER A 202 14.70 11.67 7.08
C SER A 202 14.74 11.36 5.59
N VAL A 203 14.74 10.06 5.20
CA VAL A 203 14.77 9.71 3.78
C VAL A 203 13.38 9.64 3.20
N LEU A 204 12.33 9.85 3.99
CA LEU A 204 10.99 9.75 3.44
C LEU A 204 10.65 10.88 2.51
N SER A 205 11.08 12.08 2.85
CA SER A 205 10.66 13.25 2.11
C SER A 205 11.60 14.38 2.40
N ARG A 206 11.81 15.25 1.39
CA ARG A 206 12.59 16.47 1.62
C ARG A 206 11.77 17.48 2.42
N ASN A 207 10.46 17.28 2.47
CA ASN A 207 9.55 18.15 3.21
C ASN A 207 9.64 17.78 4.69
N LYS A 208 10.34 18.62 5.46
CA LYS A 208 10.60 18.36 6.88
C LYS A 208 9.32 18.33 7.68
N THR A 209 8.31 19.12 7.29
CA THR A 209 7.03 19.09 8.02
C THR A 209 6.42 17.69 7.91
N GLU A 210 6.47 17.09 6.70
CA GLU A 210 5.92 15.75 6.54
C GLU A 210 6.72 14.70 7.31
N VAL A 211 8.04 14.88 7.40
CA VAL A 211 8.82 13.95 8.24
C VAL A 211 8.38 14.06 9.71
N ASP A 212 8.19 15.30 10.17
CA ASP A 212 7.74 15.52 11.55
C ASP A 212 6.32 14.97 11.80
N ILE A 213 5.43 15.07 10.83
CA ILE A 213 4.08 14.51 10.95
C ILE A 213 4.19 12.99 11.05
N TYR A 214 4.99 12.35 10.22
CA TYR A 214 5.18 10.90 10.28
C TYR A 214 5.66 10.50 11.67
N ASN A 215 6.60 11.26 12.26
CA ASN A 215 7.16 10.93 13.56
C ASN A 215 6.20 11.23 14.70
N SER A 216 5.08 11.92 14.42
CA SER A 216 4.11 12.30 15.46
CA SER A 216 4.07 12.34 15.42
C SER A 216 2.82 11.48 15.42
N ASP A 217 2.60 10.70 14.35
CA ASP A 217 1.38 9.93 14.19
C ASP A 217 1.37 8.64 15.02
N PRO A 218 0.48 8.55 16.03
CA PRO A 218 0.49 7.33 16.87
C PRO A 218 0.04 6.07 16.15
N LEU A 219 -0.57 6.18 14.96
CA LEU A 219 -1.02 5.00 14.21
C LEU A 219 0.09 4.44 13.32
N ILE A 220 1.25 5.11 13.26
CA ILE A 220 2.36 4.61 12.47
C ILE A 220 3.24 3.75 13.37
N CYS A 221 3.68 2.59 12.88
CA CYS A 221 4.63 1.76 13.59
C CYS A 221 6.02 2.19 13.20
N ARG A 222 6.77 2.76 14.14
CA ARG A 222 8.12 3.21 13.88
C ARG A 222 9.14 2.30 14.57
N ALA A 223 8.71 1.10 15.00
CA ALA A 223 9.58 0.10 15.60
C ALA A 223 10.53 -0.45 14.51
N GLY A 224 11.58 -1.15 14.92
CA GLY A 224 12.47 -1.79 13.98
C GLY A 224 11.74 -2.83 13.13
N LEU A 225 12.17 -3.00 11.90
CA LEU A 225 11.59 -3.96 10.98
C LEU A 225 11.89 -5.41 11.46
N LYS A 226 10.85 -6.20 11.77
CA LYS A 226 11.07 -7.59 12.22
C LYS A 226 11.57 -8.42 11.04
N VAL A 227 12.52 -9.33 11.29
CA VAL A 227 13.06 -10.14 10.19
C VAL A 227 11.95 -10.96 9.51
N CYS A 228 10.97 -11.49 10.26
CA CYS A 228 9.82 -12.20 9.65
CA CYS A 228 9.89 -12.25 9.60
C CYS A 228 9.11 -11.36 8.63
N PHE A 229 8.92 -10.08 8.99
CA PHE A 229 8.20 -9.18 8.08
C PHE A 229 9.10 -8.85 6.88
N GLY A 230 10.39 -8.62 7.13
CA GLY A 230 11.35 -8.38 6.05
C GLY A 230 11.39 -9.52 5.04
N ILE A 231 11.26 -10.77 5.53
CA ILE A 231 11.21 -11.94 4.64
C ILE A 231 9.99 -11.85 3.72
N GLN A 232 8.85 -11.39 4.28
CA GLN A 232 7.66 -11.21 3.45
C GLN A 232 7.81 -10.09 2.44
N LEU A 233 8.58 -9.05 2.78
CA LEU A 233 8.84 -7.97 1.82
C LEU A 233 9.78 -8.53 0.70
N LEU A 234 10.75 -9.38 1.08
CA LEU A 234 11.64 -10.03 0.08
C LEU A 234 10.77 -10.90 -0.83
N ASN A 235 9.77 -11.59 -0.23
CA ASN A 235 8.84 -12.41 -1.02
C ASN A 235 8.03 -11.53 -1.97
N ALA A 236 7.56 -10.35 -1.51
CA ALA A 236 6.83 -9.45 -2.38
C ALA A 236 7.69 -9.08 -3.60
N VAL A 237 8.99 -8.73 -3.36
CA VAL A 237 9.87 -8.34 -4.47
C VAL A 237 10.01 -9.49 -5.49
N SER A 238 10.21 -10.71 -4.99
CA SER A 238 10.37 -11.87 -5.86
CA SER A 238 10.36 -11.88 -5.85
C SER A 238 9.09 -12.14 -6.65
N ARG A 239 7.93 -12.04 -5.97
CA ARG A 239 6.65 -12.28 -6.63
C ARG A 239 6.30 -11.21 -7.65
N VAL A 240 6.66 -9.94 -7.34
CA VAL A 240 6.43 -8.85 -8.31
C VAL A 240 7.24 -9.13 -9.58
N GLU A 241 8.51 -9.53 -9.43
CA GLU A 241 9.36 -9.82 -10.59
C GLU A 241 8.72 -10.90 -11.46
N ARG A 242 8.21 -11.98 -10.82
CA ARG A 242 7.56 -13.04 -11.60
C ARG A 242 6.23 -12.60 -12.23
N ALA A 243 5.54 -11.63 -11.62
CA ALA A 243 4.24 -11.16 -12.09
C ALA A 243 4.32 -10.23 -13.31
N LEU A 244 5.41 -9.50 -13.47
CA LEU A 244 5.50 -8.47 -14.54
C LEU A 244 5.14 -8.96 -15.95
N PRO A 245 5.62 -10.12 -16.47
CA PRO A 245 5.18 -10.55 -17.80
C PRO A 245 3.68 -10.94 -17.86
N LYS A 246 2.98 -10.92 -16.71
CA LYS A 246 1.54 -11.23 -16.60
C LYS A 246 0.74 -9.93 -16.40
N LEU A 247 1.46 -8.82 -16.19
CA LEU A 247 0.80 -7.58 -15.91
C LEU A 247 0.44 -6.91 -17.23
N THR A 248 -0.86 -6.72 -17.43
CA THR A 248 -1.38 -6.07 -18.64
C THR A 248 -2.20 -4.83 -18.33
N VAL A 249 -2.47 -4.59 -17.04
CA VAL A 249 -3.30 -3.49 -16.63
C VAL A 249 -2.69 -2.13 -17.02
N PRO A 250 -3.48 -1.14 -17.40
CA PRO A 250 -2.92 0.20 -17.63
C PRO A 250 -2.34 0.75 -16.32
N PHE A 251 -1.20 1.46 -16.38
CA PHE A 251 -0.70 2.04 -15.17
C PHE A 251 0.05 3.32 -15.39
N LEU A 252 0.05 4.14 -14.35
CA LEU A 252 0.82 5.36 -14.18
C LEU A 252 1.80 5.04 -13.05
N LEU A 253 3.06 5.31 -13.29
CA LEU A 253 4.14 5.04 -12.34
C LEU A 253 4.85 6.33 -12.04
N LEU A 254 4.91 6.70 -10.76
CA LEU A 254 5.57 7.92 -10.31
C LEU A 254 6.73 7.51 -9.42
N GLN A 255 7.91 8.08 -9.65
CA GLN A 255 9.10 7.66 -8.93
C GLN A 255 10.08 8.79 -8.74
N GLY A 256 10.61 8.94 -7.53
CA GLY A 256 11.65 9.92 -7.25
C GLY A 256 13.01 9.36 -7.57
N SER A 257 13.89 10.20 -8.13
CA SER A 257 15.21 9.72 -8.49
C SER A 257 16.13 9.49 -7.30
N ALA A 258 15.83 10.08 -6.13
CA ALA A 258 16.72 9.96 -4.96
C ALA A 258 16.04 9.16 -3.87
N ASP A 259 15.25 8.17 -4.25
CA ASP A 259 14.50 7.33 -3.32
C ASP A 259 15.42 6.27 -2.70
N ARG A 260 15.64 6.34 -1.38
CA ARG A 260 16.51 5.41 -0.70
C ARG A 260 15.77 4.20 -0.16
N LEU A 261 14.44 4.12 -0.40
CA LEU A 261 13.64 3.03 0.15
C LEU A 261 13.15 2.07 -0.92
N CYS A 262 12.68 2.59 -2.04
CA CYS A 262 12.29 1.78 -3.23
C CYS A 262 13.15 2.31 -4.33
N ASP A 263 14.13 1.51 -4.74
CA ASP A 263 15.13 1.95 -5.71
C ASP A 263 14.52 2.29 -7.03
N SER A 264 14.93 3.42 -7.61
CA SER A 264 14.38 3.85 -8.89
C SER A 264 14.60 2.84 -10.01
N LYS A 265 15.65 2.00 -9.88
CA LYS A 265 15.89 0.93 -10.87
C LYS A 265 14.64 0.04 -10.98
N GLY A 266 13.90 -0.15 -9.88
CA GLY A 266 12.70 -0.97 -9.94
C GLY A 266 11.60 -0.36 -10.80
N ALA A 267 11.49 0.98 -10.80
CA ALA A 267 10.51 1.66 -11.66
C ALA A 267 10.86 1.45 -13.13
N TYR A 268 12.17 1.56 -13.47
CA TYR A 268 12.59 1.32 -14.86
C TYR A 268 12.35 -0.15 -15.24
N LEU A 269 12.56 -1.08 -14.30
CA LEU A 269 12.34 -2.51 -14.57
C LEU A 269 10.87 -2.78 -14.83
N LEU A 270 9.98 -2.15 -14.06
CA LEU A 270 8.55 -2.30 -14.26
C LEU A 270 8.12 -1.79 -15.65
N MET A 271 8.65 -0.62 -16.06
CA MET A 271 8.33 -0.08 -17.38
C MET A 271 8.79 -1.03 -18.45
N GLU A 272 9.98 -1.65 -18.28
CA GLU A 272 10.49 -2.54 -19.31
C GLU A 272 9.79 -3.87 -19.37
N LEU A 273 9.52 -4.48 -18.21
CA LEU A 273 9.05 -5.85 -18.20
C LEU A 273 7.56 -6.04 -18.19
N ALA A 274 6.77 -5.05 -17.75
CA ALA A 274 5.31 -5.23 -17.77
C ALA A 274 4.84 -5.34 -19.22
N LYS A 275 3.79 -6.11 -19.45
CA LYS A 275 3.27 -6.27 -20.80
C LYS A 275 2.24 -5.21 -21.17
N SER A 276 1.82 -4.41 -20.19
CA SER A 276 0.79 -3.39 -20.38
CA SER A 276 0.82 -3.36 -20.34
C SER A 276 0.99 -2.54 -21.61
N GLN A 277 -0.06 -2.41 -22.42
CA GLN A 277 -0.04 -1.55 -23.61
C GLN A 277 -0.12 -0.08 -23.21
N ASP A 278 -0.61 0.22 -21.98
CA ASP A 278 -0.74 1.60 -21.54
C ASP A 278 0.07 1.79 -20.28
N LYS A 279 1.31 2.24 -20.42
CA LYS A 279 2.21 2.40 -19.28
C LYS A 279 2.99 3.68 -19.42
N THR A 280 3.01 4.48 -18.35
CA THR A 280 3.64 5.78 -18.29
C THR A 280 4.47 5.90 -17.04
N LEU A 281 5.67 6.45 -17.18
CA LEU A 281 6.57 6.72 -16.06
C LEU A 281 6.85 8.21 -15.96
N LYS A 282 6.77 8.76 -14.77
CA LYS A 282 7.20 10.12 -14.49
C LYS A 282 8.23 10.05 -13.41
N ILE A 283 9.40 10.60 -13.66
CA ILE A 283 10.48 10.68 -12.69
C ILE A 283 10.51 12.09 -12.11
N TYR A 284 10.64 12.17 -10.78
CA TYR A 284 10.77 13.42 -10.05
C TYR A 284 12.20 13.55 -9.60
N GLU A 285 12.92 14.44 -10.28
CA GLU A 285 14.35 14.57 -10.13
C GLU A 285 14.71 15.13 -8.76
N GLY A 286 15.47 14.35 -7.99
CA GLY A 286 15.89 14.73 -6.64
C GLY A 286 14.90 14.38 -5.53
N ALA A 287 13.73 13.88 -5.88
CA ALA A 287 12.70 13.61 -4.87
C ALA A 287 12.96 12.33 -4.13
N TYR A 288 12.47 12.31 -2.88
CA TYR A 288 12.63 11.15 -2.01
C TYR A 288 11.47 10.18 -2.17
N HIS A 289 11.16 9.37 -1.17
CA HIS A 289 10.20 8.29 -1.32
C HIS A 289 8.74 8.69 -1.39
N VAL A 290 8.28 9.51 -0.46
CA VAL A 290 6.86 9.75 -0.32
C VAL A 290 6.45 10.89 -1.19
N LEU A 291 6.25 10.58 -2.48
CA LEU A 291 6.02 11.65 -3.48
C LEU A 291 4.79 12.49 -3.25
N HIS A 292 3.74 11.88 -2.67
CA HIS A 292 2.51 12.60 -2.38
C HIS A 292 2.61 13.42 -1.09
N LYS A 293 3.79 13.40 -0.42
CA LYS A 293 4.03 14.20 0.78
C LYS A 293 5.44 14.78 0.68
N GLU A 294 5.80 15.28 -0.52
CA GLU A 294 7.13 15.79 -0.81
C GLU A 294 7.10 17.30 -0.80
N LEU A 295 8.13 17.94 -1.39
CA LEU A 295 8.10 19.40 -1.49
C LEU A 295 6.85 19.78 -2.28
N PRO A 296 6.23 20.95 -1.96
CA PRO A 296 4.98 21.32 -2.67
C PRO A 296 5.02 21.24 -4.18
N GLU A 297 6.12 21.62 -4.81
CA GLU A 297 6.20 21.57 -6.26
C GLU A 297 6.03 20.15 -6.75
N VAL A 298 6.58 19.18 -6.01
CA VAL A 298 6.46 17.77 -6.37
C VAL A 298 5.05 17.27 -6.05
N THR A 299 4.60 17.49 -4.82
CA THR A 299 3.29 17.01 -4.43
C THR A 299 2.17 17.56 -5.32
N ASN A 300 2.22 18.86 -5.64
CA ASN A 300 1.18 19.43 -6.50
C ASN A 300 1.18 18.77 -7.86
N SER A 301 2.38 18.51 -8.40
CA SER A 301 2.51 17.79 -9.67
C SER A 301 1.95 16.37 -9.58
N VAL A 302 2.30 15.63 -8.51
CA VAL A 302 1.81 14.26 -8.34
C VAL A 302 0.26 14.26 -8.34
N PHE A 303 -0.35 15.16 -7.56
CA PHE A 303 -1.81 15.19 -7.53
C PHE A 303 -2.34 15.55 -8.90
N HIS A 304 -1.74 16.54 -9.57
CA HIS A 304 -2.25 16.93 -10.89
C HIS A 304 -2.14 15.78 -11.91
N GLU A 305 -1.01 15.05 -11.90
CA GLU A 305 -0.79 13.98 -12.87
C GLU A 305 -1.72 12.84 -12.64
N ILE A 306 -1.99 12.50 -11.37
CA ILE A 306 -2.93 11.43 -11.09
C ILE A 306 -4.32 11.87 -11.52
N ASN A 307 -4.69 13.12 -11.24
CA ASN A 307 -5.98 13.68 -11.64
C ASN A 307 -6.14 13.55 -13.19
N MET A 308 -5.14 14.00 -13.95
CA MET A 308 -5.23 13.92 -15.41
C MET A 308 -5.33 12.49 -15.89
N TRP A 309 -4.50 11.61 -15.33
CA TRP A 309 -4.45 10.22 -15.79
C TRP A 309 -5.77 9.47 -15.56
N VAL A 310 -6.32 9.63 -14.36
CA VAL A 310 -7.58 9.00 -14.01
C VAL A 310 -8.73 9.64 -14.78
N SER A 311 -8.74 10.97 -14.93
CA SER A 311 -9.80 11.70 -15.65
C SER A 311 -9.86 11.20 -17.10
N GLN A 312 -8.69 10.96 -17.73
CA GLN A 312 -8.62 10.48 -19.11
C GLN A 312 -9.14 9.07 -19.26
N ARG A 313 -9.14 8.26 -18.18
CA ARG A 313 -9.52 6.87 -18.23
C ARG A 313 -10.85 6.58 -17.56
N THR A 314 -11.63 7.64 -17.23
CA THR A 314 -12.97 7.51 -16.62
C THR A 314 -14.00 8.35 -17.36
N ALA A 315 -13.56 9.24 -18.25
CA ALA A 315 -14.39 10.14 -19.07
C ALA A 315 -15.45 9.43 -19.91
#